data_8HE3
#
_entry.id   8HE3
#
_cell.length_a   78.820
_cell.length_b   89.650
_cell.length_c   100.170
_cell.angle_alpha   90.00
_cell.angle_beta   90.00
_cell.angle_gamma   90.00
#
_symmetry.space_group_name_H-M   'P 21 21 21'
#
loop_
_entity.id
_entity.type
_entity.pdbx_description
1 polymer 'Importin subunit alpha-1'
2 polymer 'Hypoxia-inducible factor 1-alpha'
3 non-polymer 'SULFATE ION'
4 water water
#
loop_
_entity_poly.entity_id
_entity_poly.type
_entity_poly.pdbx_seq_one_letter_code
_entity_poly.pdbx_strand_id
1 'polypeptide(L)'
;MGTVNWSVEDIVKGINSNNLESQLQATQAARKLLSREKQPPIDNIIRAGLIPKFVSFLGKTDCSPIQFESAWALTNIASG
TSEQTKAVVDGGAIPAFISLLASPHAHISEQAVWALGNIAGDGSAFRDLVIKHGAIDPLLALLAVPDLSTLACGYLRNLT
WTLSNLCRNKNPAPPLDAVEQILPTLVRLLHHNDPEVLADSCWAISYLTDGPNERIEMVVKKGVVPQLVKLLGATELPIV
TPALRAIGNIVTGTDEQTQKVIDAGALAVFPSLLTNPKTNIQKEATWTMSNITAGRQDQIQQVVNHGLVPFLVGVLSKAD
FKTQKEAAWAITNYTSGGTVEQIVYLVHCGIIEPLMNLLSAKDTKIIQVILDAISNIFQAAEKLGETEKLSIMIEECGGL
DKIEALQRHENESVYKASLNLIEKYFSV
;
A
2 'polypeptide(L)' GSQRKRKMEWKRVKG B
#
loop_
_chem_comp.id
_chem_comp.type
_chem_comp.name
_chem_comp.formula
SO4 non-polymer 'SULFATE ION' 'O4 S -2'
#
# COMPACT_ATOMS: atom_id res chain seq x y z
N ASN A 5 -20.96 31.28 11.20
CA ASN A 5 -21.67 30.08 10.75
C ASN A 5 -23.11 30.08 11.26
N TRP A 6 -24.03 29.65 10.39
CA TRP A 6 -25.42 29.51 10.81
C TRP A 6 -25.57 28.40 11.82
N SER A 7 -26.69 28.44 12.54
CA SER A 7 -27.12 27.32 13.37
C SER A 7 -27.80 26.27 12.50
N VAL A 8 -27.76 25.02 12.95
CA VAL A 8 -28.47 23.95 12.26
C VAL A 8 -29.95 24.26 12.16
N GLU A 9 -30.51 24.83 13.24
CA GLU A 9 -31.91 25.25 13.23
C GLU A 9 -32.22 26.20 12.07
N ASP A 10 -31.32 27.17 11.83
CA ASP A 10 -31.56 28.13 10.75
C ASP A 10 -31.35 27.49 9.38
N ILE A 11 -30.39 26.57 9.27
CA ILE A 11 -30.20 25.85 8.02
C ILE A 11 -31.45 25.05 7.67
N VAL A 12 -32.01 24.34 8.66
CA VAL A 12 -33.21 23.56 8.43
C VAL A 12 -34.37 24.46 7.99
N LYS A 13 -34.51 25.62 8.63
CA LYS A 13 -35.57 26.54 8.27
C LYS A 13 -35.45 26.97 6.81
N GLY A 14 -34.25 27.33 6.38
CA GLY A 14 -34.06 27.74 5.00
C GLY A 14 -34.25 26.61 4.01
N ILE A 15 -33.74 25.43 4.33
CA ILE A 15 -33.87 24.31 3.39
C ILE A 15 -35.34 23.88 3.28
N ASN A 16 -36.12 24.06 4.34
CA ASN A 16 -37.53 23.72 4.32
C ASN A 16 -38.42 24.81 3.74
N SER A 17 -37.86 25.97 3.40
CA SER A 17 -38.66 27.01 2.80
C SER A 17 -39.09 26.61 1.39
N ASN A 18 -40.11 27.29 0.89
CA ASN A 18 -40.57 27.07 -0.49
C ASN A 18 -40.02 28.17 -1.40
N ASN A 19 -38.69 28.20 -1.45
CA ASN A 19 -37.97 29.22 -2.20
C ASN A 19 -36.59 28.64 -2.52
N LEU A 20 -36.36 28.35 -3.80
CA LEU A 20 -35.11 27.73 -4.22
C LEU A 20 -33.90 28.57 -3.82
N GLU A 21 -34.03 29.89 -3.89
CA GLU A 21 -32.90 30.74 -3.55
C GLU A 21 -32.62 30.72 -2.05
N SER A 22 -33.67 30.70 -1.22
CA SER A 22 -33.47 30.50 0.22
C SER A 22 -32.87 29.13 0.52
N GLN A 23 -33.30 28.11 -0.22
CA GLN A 23 -32.73 26.77 -0.05
C GLN A 23 -31.26 26.76 -0.43
N LEU A 24 -30.90 27.48 -1.49
CA LEU A 24 -29.50 27.55 -1.91
C LEU A 24 -28.65 28.21 -0.85
N GLN A 25 -29.12 29.32 -0.28
CA GLN A 25 -28.32 30.01 0.72
C GLN A 25 -28.18 29.17 1.99
N ALA A 26 -29.22 28.43 2.36
CA ALA A 26 -29.13 27.56 3.52
C ALA A 26 -28.23 26.36 3.25
N THR A 27 -28.21 25.86 2.00
CA THR A 27 -27.30 24.77 1.67
C THR A 27 -25.85 25.22 1.68
N GLN A 28 -25.58 26.43 1.17
CA GLN A 28 -24.24 26.99 1.28
C GLN A 28 -23.82 27.12 2.74
N ALA A 29 -24.73 27.59 3.59
CA ALA A 29 -24.42 27.70 5.01
C ALA A 29 -24.11 26.34 5.62
N ALA A 30 -24.86 25.31 5.20
CA ALA A 30 -24.55 23.95 5.64
C ALA A 30 -23.17 23.52 5.17
N ARG A 31 -22.83 23.82 3.91
CA ARG A 31 -21.52 23.47 3.37
C ARG A 31 -20.40 24.11 4.18
N LYS A 32 -20.55 25.39 4.51
CA LYS A 32 -19.50 26.07 5.27
C LYS A 32 -19.39 25.51 6.67
N LEU A 33 -20.53 25.27 7.32
CA LEU A 33 -20.53 24.64 8.64
C LEU A 33 -19.83 23.30 8.61
N LEU A 34 -20.13 22.47 7.60
CA LEU A 34 -19.51 21.17 7.48
C LEU A 34 -18.05 21.25 7.07
N SER A 35 -17.55 22.43 6.69
CA SER A 35 -16.19 22.61 6.20
C SER A 35 -15.22 23.11 7.26
N ARG A 36 -15.65 23.25 8.51
CA ARG A 36 -14.79 23.85 9.53
C ARG A 36 -13.92 22.78 10.19
N GLU A 37 -12.68 23.17 10.48
CA GLU A 37 -11.65 22.21 10.89
C GLU A 37 -12.01 21.50 12.19
N LYS A 38 -12.41 22.26 13.21
CA LYS A 38 -12.65 21.69 14.53
C LYS A 38 -14.09 21.23 14.63
N GLN A 39 -14.30 19.91 14.52
CA GLN A 39 -15.51 19.26 14.98
C GLN A 39 -16.77 19.65 14.21
N PRO A 40 -16.84 19.45 12.89
CA PRO A 40 -18.07 19.80 12.16
C PRO A 40 -19.26 19.00 12.70
N PRO A 41 -20.42 19.64 12.85
CA PRO A 41 -21.59 18.97 13.44
C PRO A 41 -22.30 18.04 12.46
N ILE A 42 -21.56 17.04 11.98
CA ILE A 42 -22.09 16.14 10.95
C ILE A 42 -23.32 15.39 11.47
N ASP A 43 -23.24 14.84 12.68
CA ASP A 43 -24.34 14.04 13.19
C ASP A 43 -25.60 14.89 13.43
N ASN A 44 -25.42 16.14 13.88
CA ASN A 44 -26.57 17.03 14.00
C ASN A 44 -27.23 17.28 12.65
N ILE A 45 -26.42 17.48 11.61
CA ILE A 45 -26.95 17.67 10.25
C ILE A 45 -27.72 16.42 9.81
N ILE A 46 -27.17 15.24 10.08
CA ILE A 46 -27.85 14.00 9.70
C ILE A 46 -29.15 13.87 10.49
N ARG A 47 -29.08 14.09 11.80
CA ARG A 47 -30.26 13.95 12.65
C ARG A 47 -31.38 14.90 12.22
N ALA A 48 -31.02 16.06 11.68
CA ALA A 48 -32.02 17.01 11.19
C ALA A 48 -32.71 16.54 9.91
N GLY A 49 -32.30 15.40 9.34
CA GLY A 49 -32.92 14.89 8.14
C GLY A 49 -32.53 15.59 6.86
N LEU A 50 -31.34 16.19 6.81
CA LEU A 50 -30.98 17.03 5.67
C LEU A 50 -30.40 16.26 4.50
N ILE A 51 -29.91 15.04 4.70
CA ILE A 51 -29.30 14.29 3.59
C ILE A 51 -30.28 14.10 2.43
N PRO A 52 -31.52 13.62 2.65
CA PRO A 52 -32.44 13.48 1.50
C PRO A 52 -32.70 14.79 0.76
N LYS A 53 -32.66 15.92 1.45
CA LYS A 53 -32.85 17.19 0.76
C LYS A 53 -31.63 17.54 -0.08
N PHE A 54 -30.43 17.38 0.48
CA PHE A 54 -29.21 17.54 -0.31
C PHE A 54 -29.25 16.67 -1.56
N VAL A 55 -29.63 15.40 -1.39
CA VAL A 55 -29.64 14.47 -2.52
C VAL A 55 -30.60 14.95 -3.60
N SER A 56 -31.78 15.44 -3.21
CA SER A 56 -32.71 15.94 -4.22
C SER A 56 -32.17 17.19 -4.89
N PHE A 57 -31.37 18.00 -4.18
CA PHE A 57 -30.77 19.18 -4.80
C PHE A 57 -29.74 18.81 -5.85
N LEU A 58 -29.11 17.62 -5.71
CA LEU A 58 -28.17 17.18 -6.72
C LEU A 58 -28.81 17.09 -8.10
N GLY A 59 -30.10 16.77 -8.15
CA GLY A 59 -30.82 16.61 -9.40
C GLY A 59 -31.37 17.88 -10.01
N LYS A 60 -31.06 19.06 -9.45
CA LYS A 60 -31.63 20.32 -9.93
C LYS A 60 -30.74 20.90 -11.03
N THR A 61 -30.91 20.36 -12.24
CA THR A 61 -30.11 20.78 -13.39
C THR A 61 -30.23 22.28 -13.66
N ASP A 62 -31.38 22.87 -13.35
CA ASP A 62 -31.63 24.28 -13.62
C ASP A 62 -30.96 25.20 -12.61
N CYS A 63 -30.38 24.65 -11.54
CA CYS A 63 -29.74 25.44 -10.50
C CYS A 63 -28.40 24.80 -10.15
N SER A 64 -27.41 25.02 -11.03
CA SER A 64 -26.09 24.44 -10.79
C SER A 64 -25.45 24.89 -9.48
N PRO A 65 -25.63 26.12 -8.97
CA PRO A 65 -25.04 26.42 -7.65
C PRO A 65 -25.54 25.53 -6.53
N ILE A 66 -26.82 25.16 -6.51
CA ILE A 66 -27.27 24.31 -5.43
C ILE A 66 -26.84 22.86 -5.65
N GLN A 67 -26.67 22.44 -6.90
CA GLN A 67 -26.01 21.15 -7.16
C GLN A 67 -24.63 21.12 -6.56
N PHE A 68 -23.85 22.18 -6.78
CA PHE A 68 -22.48 22.24 -6.28
C PHE A 68 -22.46 22.29 -4.75
N GLU A 69 -23.28 23.16 -4.15
CA GLU A 69 -23.25 23.30 -2.70
C GLU A 69 -23.71 22.03 -2.00
N SER A 70 -24.78 21.40 -2.49
CA SER A 70 -25.21 20.15 -1.87
C SER A 70 -24.22 19.02 -2.10
N ALA A 71 -23.58 18.99 -3.28
CA ALA A 71 -22.54 17.99 -3.53
C ALA A 71 -21.39 18.15 -2.55
N TRP A 72 -20.97 19.38 -2.29
CA TRP A 72 -19.89 19.64 -1.35
C TRP A 72 -20.31 19.30 0.07
N ALA A 73 -21.53 19.66 0.46
CA ALA A 73 -22.02 19.29 1.79
C ALA A 73 -22.03 17.77 1.97
N LEU A 74 -22.51 17.05 0.97
CA LEU A 74 -22.56 15.59 1.08
C LEU A 74 -21.17 14.99 1.06
N THR A 75 -20.25 15.56 0.27
CA THR A 75 -18.87 15.06 0.27
C THR A 75 -18.28 15.10 1.67
N ASN A 76 -18.55 16.18 2.41
CA ASN A 76 -17.93 16.33 3.72
C ASN A 76 -18.61 15.45 4.75
N ILE A 77 -19.89 15.12 4.57
CA ILE A 77 -20.51 14.10 5.41
C ILE A 77 -19.94 12.72 5.07
N ALA A 78 -19.81 12.41 3.77
CA ALA A 78 -19.33 11.09 3.37
C ALA A 78 -17.86 10.88 3.69
N SER A 79 -17.12 11.95 3.99
CA SER A 79 -15.73 11.84 4.39
C SER A 79 -15.56 11.46 5.86
N GLY A 80 -16.65 11.36 6.61
CA GLY A 80 -16.58 11.07 8.04
C GLY A 80 -16.50 9.59 8.36
N THR A 81 -17.19 9.17 9.42
CA THR A 81 -17.18 7.77 9.80
C THR A 81 -17.97 6.92 8.80
N SER A 82 -17.80 5.61 8.93
CA SER A 82 -18.54 4.67 8.07
C SER A 82 -20.04 4.84 8.24
N GLU A 83 -20.49 5.09 9.46
CA GLU A 83 -21.90 5.33 9.67
C GLU A 83 -22.35 6.60 8.96
N GLN A 84 -21.48 7.61 8.88
CA GLN A 84 -21.85 8.84 8.19
C GLN A 84 -21.82 8.65 6.68
N THR A 85 -20.84 7.90 6.17
CA THR A 85 -20.85 7.56 4.75
C THR A 85 -22.08 6.74 4.39
N LYS A 86 -22.46 5.79 5.25
CA LYS A 86 -23.66 4.98 5.00
C LYS A 86 -24.90 5.85 4.90
N ALA A 87 -25.02 6.86 5.76
CA ALA A 87 -26.18 7.75 5.72
C ALA A 87 -26.29 8.43 4.36
N VAL A 88 -25.16 8.85 3.80
CA VAL A 88 -25.18 9.46 2.47
C VAL A 88 -25.61 8.46 1.41
N VAL A 89 -25.03 7.25 1.46
CA VAL A 89 -25.43 6.21 0.53
C VAL A 89 -26.91 5.88 0.69
N ASP A 90 -27.39 5.79 1.94
CA ASP A 90 -28.78 5.42 2.17
C ASP A 90 -29.75 6.48 1.68
N GLY A 91 -29.29 7.71 1.46
CA GLY A 91 -30.13 8.74 0.90
C GLY A 91 -30.25 8.73 -0.61
N GLY A 92 -29.63 7.76 -1.29
CA GLY A 92 -29.66 7.68 -2.73
C GLY A 92 -28.57 8.43 -3.45
N ALA A 93 -27.48 8.78 -2.76
CA ALA A 93 -26.51 9.70 -3.34
C ALA A 93 -25.67 9.06 -4.45
N ILE A 94 -25.50 7.74 -4.47
CA ILE A 94 -24.57 7.16 -5.44
C ILE A 94 -25.03 7.42 -6.86
N PRO A 95 -26.25 7.05 -7.27
CA PRO A 95 -26.64 7.33 -8.67
C PRO A 95 -26.78 8.81 -8.97
N ALA A 96 -27.14 9.64 -7.99
CA ALA A 96 -27.20 11.07 -8.21
C ALA A 96 -25.82 11.65 -8.49
N PHE A 97 -24.80 11.16 -7.79
CA PHE A 97 -23.44 11.62 -8.04
C PHE A 97 -22.92 11.13 -9.39
N ILE A 98 -23.24 9.90 -9.77
CA ILE A 98 -22.79 9.39 -11.06
C ILE A 98 -23.39 10.19 -12.20
N SER A 99 -24.65 10.61 -12.04
CA SER A 99 -25.29 11.46 -13.04
C SER A 99 -24.58 12.80 -13.18
N LEU A 100 -23.97 13.30 -12.11
CA LEU A 100 -23.28 14.58 -12.17
C LEU A 100 -21.88 14.49 -12.75
N LEU A 101 -21.35 13.28 -12.97
CA LEU A 101 -20.04 13.18 -13.61
C LEU A 101 -20.05 13.81 -15.00
N ALA A 102 -21.18 13.75 -15.70
CA ALA A 102 -21.32 14.31 -17.03
C ALA A 102 -21.64 15.80 -17.05
N SER A 103 -21.67 16.46 -15.90
CA SER A 103 -22.09 17.85 -15.85
C SER A 103 -21.18 18.73 -16.70
N PRO A 104 -21.72 19.73 -17.39
CA PRO A 104 -20.87 20.67 -18.13
C PRO A 104 -20.06 21.57 -17.24
N HIS A 105 -20.40 21.65 -15.95
CA HIS A 105 -19.67 22.49 -15.00
C HIS A 105 -18.56 21.65 -14.37
N ALA A 106 -17.31 22.05 -14.59
CA ALA A 106 -16.19 21.23 -14.15
C ALA A 106 -16.13 21.11 -12.63
N HIS A 107 -16.52 22.16 -11.91
CA HIS A 107 -16.45 22.10 -10.44
C HIS A 107 -17.50 21.15 -9.88
N ILE A 108 -18.62 20.96 -10.58
CA ILE A 108 -19.63 20.01 -10.12
C ILE A 108 -19.18 18.59 -10.40
N SER A 109 -18.70 18.33 -11.61
CA SER A 109 -18.17 17.02 -11.94
C SER A 109 -17.08 16.60 -10.97
N GLU A 110 -16.17 17.53 -10.64
CA GLU A 110 -15.10 17.24 -9.72
C GLU A 110 -15.62 16.93 -8.32
N GLN A 111 -16.65 17.66 -7.89
CA GLN A 111 -17.25 17.37 -6.59
C GLN A 111 -17.82 15.96 -6.57
N ALA A 112 -18.46 15.54 -7.67
CA ALA A 112 -19.02 14.19 -7.72
C ALA A 112 -17.93 13.13 -7.71
N VAL A 113 -16.82 13.39 -8.42
CA VAL A 113 -15.66 12.50 -8.38
C VAL A 113 -15.18 12.33 -6.95
N TRP A 114 -15.01 13.45 -6.24
CA TRP A 114 -14.55 13.44 -4.86
C TRP A 114 -15.49 12.64 -3.98
N ALA A 115 -16.80 12.89 -4.11
CA ALA A 115 -17.78 12.19 -3.28
C ALA A 115 -17.76 10.69 -3.53
N LEU A 116 -17.68 10.26 -4.79
CA LEU A 116 -17.66 8.83 -5.07
C LEU A 116 -16.39 8.17 -4.55
N GLY A 117 -15.27 8.90 -4.52
CA GLY A 117 -14.06 8.36 -3.92
C GLY A 117 -14.18 8.16 -2.42
N ASN A 118 -14.84 9.10 -1.72
CA ASN A 118 -15.11 8.93 -0.30
C ASN A 118 -16.00 7.72 -0.04
N ILE A 119 -17.05 7.55 -0.85
CA ILE A 119 -17.97 6.44 -0.66
C ILE A 119 -17.26 5.12 -0.95
N ALA A 120 -16.64 5.00 -2.12
CA ALA A 120 -15.94 3.78 -2.47
C ALA A 120 -14.80 3.49 -1.50
N GLY A 121 -14.15 4.52 -0.98
CA GLY A 121 -13.05 4.32 -0.05
C GLY A 121 -13.47 3.76 1.30
N ASP A 122 -14.78 3.77 1.59
CA ASP A 122 -15.22 3.30 2.89
C ASP A 122 -14.96 1.81 3.09
N GLY A 123 -15.02 1.03 2.03
CA GLY A 123 -14.85 -0.41 2.18
C GLY A 123 -15.27 -1.15 0.93
N SER A 124 -15.10 -2.47 0.99
CA SER A 124 -15.32 -3.32 -0.18
C SER A 124 -16.77 -3.26 -0.67
N ALA A 125 -17.74 -3.27 0.24
CA ALA A 125 -19.12 -3.34 -0.21
C ALA A 125 -19.55 -2.06 -0.92
N PHE A 126 -19.21 -0.89 -0.35
CA PHE A 126 -19.58 0.36 -1.01
C PHE A 126 -18.77 0.58 -2.28
N ARG A 127 -17.50 0.14 -2.29
CA ARG A 127 -16.72 0.16 -3.52
C ARG A 127 -17.44 -0.60 -4.62
N ASP A 128 -17.84 -1.83 -4.33
CA ASP A 128 -18.52 -2.64 -5.33
C ASP A 128 -19.89 -2.07 -5.68
N LEU A 129 -20.55 -1.40 -4.73
CA LEU A 129 -21.85 -0.81 -5.03
C LEU A 129 -21.71 0.38 -5.97
N VAL A 130 -20.69 1.21 -5.77
CA VAL A 130 -20.39 2.29 -6.70
C VAL A 130 -20.14 1.72 -8.10
N ILE A 131 -19.41 0.61 -8.19
CA ILE A 131 -19.14 0.00 -9.48
C ILE A 131 -20.42 -0.53 -10.12
N LYS A 132 -21.29 -1.16 -9.32
CA LYS A 132 -22.54 -1.69 -9.87
C LYS A 132 -23.45 -0.59 -10.41
N HIS A 133 -23.44 0.59 -9.77
CA HIS A 133 -24.22 1.71 -10.28
C HIS A 133 -23.62 2.32 -11.54
N GLY A 134 -22.49 1.81 -12.02
CA GLY A 134 -21.94 2.22 -13.30
C GLY A 134 -20.99 3.38 -13.26
N ALA A 135 -20.20 3.53 -12.19
CA ALA A 135 -19.36 4.73 -12.07
C ALA A 135 -18.15 4.69 -12.99
N ILE A 136 -17.67 3.51 -13.37
CA ILE A 136 -16.34 3.43 -13.99
C ILE A 136 -16.34 4.09 -15.37
N ASP A 137 -17.33 3.76 -16.22
CA ASP A 137 -17.37 4.32 -17.58
C ASP A 137 -17.32 5.85 -17.54
N PRO A 138 -18.23 6.54 -16.84
CA PRO A 138 -18.18 8.02 -16.86
C PRO A 138 -16.94 8.59 -16.18
N LEU A 139 -16.36 7.90 -15.19
CA LEU A 139 -15.11 8.39 -14.62
C LEU A 139 -13.99 8.34 -15.65
N LEU A 140 -13.84 7.20 -16.34
CA LEU A 140 -12.78 7.08 -17.33
C LEU A 140 -13.00 8.04 -18.50
N ALA A 141 -14.26 8.35 -18.82
CA ALA A 141 -14.53 9.28 -19.91
C ALA A 141 -14.00 10.67 -19.61
N LEU A 142 -13.89 11.03 -18.33
CA LEU A 142 -13.35 12.33 -17.96
C LEU A 142 -11.87 12.46 -18.30
N LEU A 143 -11.18 11.35 -18.51
CA LEU A 143 -9.76 11.37 -18.84
C LEU A 143 -9.50 11.10 -20.31
N ALA A 144 -10.56 11.02 -21.13
CA ALA A 144 -10.41 10.68 -22.55
C ALA A 144 -10.09 11.96 -23.35
N VAL A 145 -8.89 12.47 -23.09
CA VAL A 145 -8.35 13.62 -23.79
C VAL A 145 -6.98 13.21 -24.32
N PRO A 146 -6.49 13.80 -25.42
CA PRO A 146 -5.20 13.33 -25.97
C PRO A 146 -4.00 13.65 -25.08
N ASP A 147 -4.03 14.71 -24.28
CA ASP A 147 -2.93 15.05 -23.39
C ASP A 147 -3.49 15.42 -22.03
N LEU A 148 -3.14 14.63 -21.01
CA LEU A 148 -3.64 14.87 -19.66
C LEU A 148 -3.27 16.23 -19.12
N SER A 149 -2.20 16.85 -19.65
CA SER A 149 -1.73 18.13 -19.13
C SER A 149 -2.71 19.27 -19.42
N THR A 150 -3.65 19.08 -20.33
CA THR A 150 -4.66 20.11 -20.56
C THR A 150 -5.70 20.15 -19.44
N LEU A 151 -5.77 19.12 -18.62
CA LEU A 151 -6.69 19.12 -17.50
C LEU A 151 -6.13 19.93 -16.34
N ALA A 152 -7.03 20.55 -15.59
CA ALA A 152 -6.62 21.21 -14.36
C ALA A 152 -5.96 20.19 -13.44
N CYS A 153 -4.85 20.61 -12.83
CA CYS A 153 -4.06 19.70 -11.99
C CYS A 153 -4.90 19.12 -10.85
N GLY A 154 -5.63 20.00 -10.14
CA GLY A 154 -6.45 19.52 -9.03
C GLY A 154 -7.54 18.56 -9.48
N TYR A 155 -8.15 18.84 -10.63
CA TYR A 155 -9.15 17.95 -11.20
C TYR A 155 -8.57 16.57 -11.46
N LEU A 156 -7.36 16.52 -12.01
CA LEU A 156 -6.72 15.26 -12.36
C LEU A 156 -6.31 14.47 -11.13
N ARG A 157 -5.76 15.16 -10.12
CA ARG A 157 -5.42 14.50 -8.86
C ARG A 157 -6.64 13.86 -8.22
N ASN A 158 -7.76 14.57 -8.23
CA ASN A 158 -9.00 14.05 -7.65
C ASN A 158 -9.46 12.79 -8.37
N LEU A 159 -9.42 12.81 -9.70
CA LEU A 159 -9.82 11.63 -10.47
C LEU A 159 -8.91 10.44 -10.18
N THR A 160 -7.60 10.69 -10.13
CA THR A 160 -6.66 9.61 -9.84
C THR A 160 -6.92 9.00 -8.47
N TRP A 161 -7.14 9.86 -7.47
CA TRP A 161 -7.41 9.38 -6.12
C TRP A 161 -8.67 8.52 -6.08
N THR A 162 -9.73 8.96 -6.74
CA THR A 162 -10.98 8.18 -6.73
C THR A 162 -10.81 6.85 -7.44
N LEU A 163 -10.07 6.83 -8.56
CA LEU A 163 -9.80 5.56 -9.24
C LEU A 163 -9.00 4.63 -8.35
N SER A 164 -8.05 5.18 -7.58
CA SER A 164 -7.26 4.32 -6.70
C SER A 164 -8.12 3.73 -5.59
N ASN A 165 -9.10 4.48 -5.10
CA ASN A 165 -10.02 3.91 -4.10
C ASN A 165 -10.90 2.82 -4.71
N LEU A 166 -11.18 2.88 -6.01
CA LEU A 166 -11.93 1.78 -6.62
C LEU A 166 -11.08 0.54 -6.78
N CYS A 167 -9.75 0.66 -6.70
CA CYS A 167 -8.82 -0.46 -6.73
C CYS A 167 -8.49 -1.00 -5.35
N ARG A 168 -8.97 -0.35 -4.30
CA ARG A 168 -8.55 -0.56 -2.93
C ARG A 168 -9.42 -1.59 -2.21
N ASN A 169 -8.87 -2.16 -1.13
CA ASN A 169 -9.52 -3.06 -0.17
C ASN A 169 -9.63 -4.49 -0.69
N LYS A 170 -9.79 -5.43 0.26
CA LYS A 170 -9.77 -6.85 -0.03
C LYS A 170 -10.93 -7.52 0.71
N ASN A 171 -11.04 -8.83 0.52
CA ASN A 171 -12.12 -9.63 1.10
C ASN A 171 -13.51 -9.02 0.88
N PRO A 172 -13.94 -8.89 -0.39
CA PRO A 172 -13.21 -9.34 -1.58
C PRO A 172 -12.38 -8.22 -2.22
N ALA A 173 -11.45 -8.61 -3.09
CA ALA A 173 -10.78 -7.68 -3.97
C ALA A 173 -11.78 -7.16 -4.99
N PRO A 174 -11.47 -6.07 -5.69
CA PRO A 174 -12.40 -5.52 -6.70
C PRO A 174 -12.71 -6.55 -7.77
N PRO A 175 -13.86 -6.43 -8.43
CA PRO A 175 -14.19 -7.41 -9.49
C PRO A 175 -13.15 -7.40 -10.59
N LEU A 176 -12.85 -8.59 -11.11
CA LEU A 176 -11.80 -8.72 -12.13
C LEU A 176 -12.09 -7.86 -13.34
N ASP A 177 -13.36 -7.83 -13.78
CA ASP A 177 -13.71 -7.04 -14.95
C ASP A 177 -13.49 -5.54 -14.71
N ALA A 178 -13.78 -5.07 -13.48
CA ALA A 178 -13.55 -3.66 -13.16
C ALA A 178 -12.06 -3.33 -13.18
N VAL A 179 -11.23 -4.23 -12.65
CA VAL A 179 -9.79 -4.03 -12.66
C VAL A 179 -9.27 -3.93 -14.09
N GLU A 180 -9.74 -4.82 -14.97
CA GLU A 180 -9.29 -4.78 -16.36
C GLU A 180 -9.76 -3.52 -17.05
N GLN A 181 -10.94 -3.01 -16.67
CA GLN A 181 -11.44 -1.76 -17.25
C GLN A 181 -10.61 -0.56 -16.80
N ILE A 182 -10.17 -0.56 -15.55
CA ILE A 182 -9.46 0.60 -15.01
C ILE A 182 -7.98 0.58 -15.39
N LEU A 183 -7.39 -0.60 -15.52
CA LEU A 183 -5.92 -0.68 -15.61
C LEU A 183 -5.30 0.12 -16.75
N PRO A 184 -5.85 0.16 -17.97
CA PRO A 184 -5.18 0.95 -19.02
C PRO A 184 -5.10 2.44 -18.70
N THR A 185 -6.09 2.97 -17.96
CA THR A 185 -6.03 4.37 -17.56
C THR A 185 -4.99 4.56 -16.46
N LEU A 186 -4.88 3.61 -15.52
CA LEU A 186 -3.82 3.66 -14.52
C LEU A 186 -2.44 3.67 -15.17
N VAL A 187 -2.24 2.83 -16.20
CA VAL A 187 -0.95 2.81 -16.88
C VAL A 187 -0.60 4.19 -17.41
N ARG A 188 -1.58 4.87 -18.00
CA ARG A 188 -1.40 6.23 -18.49
C ARG A 188 -1.04 7.19 -17.36
N LEU A 189 -1.77 7.13 -16.26
CA LEU A 189 -1.53 8.06 -15.15
C LEU A 189 -0.17 7.82 -14.51
N LEU A 190 0.31 6.58 -14.55
CA LEU A 190 1.64 6.24 -14.04
C LEU A 190 2.76 6.94 -14.81
N HIS A 191 2.46 7.50 -15.99
CA HIS A 191 3.44 8.24 -16.77
C HIS A 191 3.17 9.74 -16.77
N HIS A 192 2.22 10.20 -15.96
CA HIS A 192 1.86 11.62 -15.94
C HIS A 192 2.77 12.39 -14.98
N ASN A 193 3.26 13.55 -15.44
CA ASN A 193 4.26 14.31 -14.71
C ASN A 193 3.59 15.21 -13.66
N ASP A 194 3.06 14.56 -12.61
CA ASP A 194 2.63 15.28 -11.41
C ASP A 194 2.91 14.37 -10.22
N PRO A 195 3.58 14.87 -9.18
CA PRO A 195 3.95 13.99 -8.06
C PRO A 195 2.77 13.35 -7.37
N GLU A 196 1.65 14.06 -7.21
CA GLU A 196 0.51 13.47 -6.51
C GLU A 196 -0.24 12.47 -7.39
N VAL A 197 -0.34 12.74 -8.70
CA VAL A 197 -0.91 11.75 -9.61
C VAL A 197 -0.07 10.48 -9.60
N LEU A 198 1.25 10.63 -9.67
CA LEU A 198 2.14 9.47 -9.67
C LEU A 198 2.00 8.69 -8.36
N ALA A 199 1.98 9.38 -7.23
CA ALA A 199 1.83 8.71 -5.94
C ALA A 199 0.55 7.89 -5.88
N ASP A 200 -0.57 8.50 -6.26
CA ASP A 200 -1.85 7.80 -6.12
C ASP A 200 -2.00 6.67 -7.15
N SER A 201 -1.43 6.82 -8.34
CA SER A 201 -1.41 5.71 -9.29
C SER A 201 -0.59 4.54 -8.78
N CYS A 202 0.57 4.83 -8.18
CA CYS A 202 1.37 3.80 -7.52
C CYS A 202 0.60 3.12 -6.40
N TRP A 203 -0.16 3.90 -5.61
CA TRP A 203 -0.96 3.29 -4.57
C TRP A 203 -1.98 2.35 -5.17
N ALA A 204 -2.66 2.78 -6.26
CA ALA A 204 -3.61 1.89 -6.94
C ALA A 204 -2.95 0.60 -7.39
N ILE A 205 -1.76 0.68 -7.98
CA ILE A 205 -1.05 -0.52 -8.41
C ILE A 205 -0.65 -1.36 -7.20
N SER A 206 -0.27 -0.70 -6.10
CA SER A 206 0.05 -1.44 -4.89
C SER A 206 -1.15 -2.24 -4.40
N TYR A 207 -2.36 -1.66 -4.47
CA TYR A 207 -3.55 -2.40 -4.08
C TYR A 207 -3.80 -3.60 -5.00
N LEU A 208 -3.69 -3.38 -6.31
CA LEU A 208 -4.01 -4.43 -7.28
C LEU A 208 -3.04 -5.60 -7.23
N THR A 209 -1.82 -5.39 -6.75
CA THR A 209 -0.82 -6.46 -6.64
C THR A 209 -0.80 -7.10 -5.25
N ASP A 210 -1.64 -6.63 -4.33
CA ASP A 210 -1.73 -7.19 -2.99
C ASP A 210 -2.76 -8.33 -3.02
N GLY A 211 -2.31 -9.50 -3.46
CA GLY A 211 -3.19 -10.64 -3.58
C GLY A 211 -2.56 -11.84 -4.27
N PRO A 212 -3.41 -12.76 -4.74
CA PRO A 212 -2.90 -13.96 -5.42
C PRO A 212 -2.19 -13.64 -6.73
N ASN A 213 -1.39 -14.61 -7.19
CA ASN A 213 -0.53 -14.39 -8.34
C ASN A 213 -1.32 -14.04 -9.59
N GLU A 214 -2.56 -14.51 -9.69
CA GLU A 214 -3.41 -14.16 -10.82
C GLU A 214 -3.64 -12.66 -10.87
N ARG A 215 -3.85 -12.04 -9.71
CA ARG A 215 -4.00 -10.59 -9.64
C ARG A 215 -2.72 -9.87 -10.01
N ILE A 216 -1.59 -10.34 -9.49
CA ILE A 216 -0.30 -9.77 -9.86
C ILE A 216 -0.10 -9.83 -11.36
N GLU A 217 -0.48 -10.96 -11.98
CA GLU A 217 -0.23 -11.13 -13.41
C GLU A 217 -1.00 -10.12 -14.26
N MET A 218 -2.24 -9.80 -13.86
CA MET A 218 -3.00 -8.78 -14.60
C MET A 218 -2.22 -7.47 -14.65
N VAL A 219 -1.54 -7.12 -13.57
CA VAL A 219 -0.78 -5.88 -13.54
C VAL A 219 0.52 -6.04 -14.33
N VAL A 220 1.26 -7.11 -14.06
CA VAL A 220 2.55 -7.31 -14.72
C VAL A 220 2.39 -7.41 -16.23
N LYS A 221 1.27 -7.99 -16.69
CA LYS A 221 1.05 -8.14 -18.13
C LYS A 221 0.86 -6.79 -18.84
N LYS A 222 0.47 -5.74 -18.13
CA LYS A 222 0.38 -4.41 -18.75
C LYS A 222 1.73 -3.74 -18.94
N GLY A 223 2.82 -4.40 -18.55
CA GLY A 223 4.16 -3.87 -18.77
C GLY A 223 4.60 -2.73 -17.89
N VAL A 224 4.01 -2.58 -16.70
CA VAL A 224 4.31 -1.41 -15.84
C VAL A 224 5.53 -1.59 -14.95
N VAL A 225 6.12 -2.79 -14.87
CA VAL A 225 7.20 -3.01 -13.90
C VAL A 225 8.36 -2.06 -14.13
N PRO A 226 8.86 -1.84 -15.36
CA PRO A 226 9.94 -0.86 -15.52
C PRO A 226 9.59 0.54 -15.03
N GLN A 227 8.35 0.99 -15.23
CA GLN A 227 7.98 2.31 -14.73
C GLN A 227 7.96 2.35 -13.21
N LEU A 228 7.47 1.27 -12.59
CA LEU A 228 7.51 1.17 -11.12
C LEU A 228 8.95 1.24 -10.62
N VAL A 229 9.87 0.55 -11.31
CA VAL A 229 11.27 0.60 -10.91
C VAL A 229 11.82 2.01 -11.06
N LYS A 230 11.47 2.70 -12.15
CA LYS A 230 11.88 4.09 -12.28
C LYS A 230 11.35 4.94 -11.12
N LEU A 231 10.10 4.70 -10.73
CA LEU A 231 9.51 5.51 -9.66
C LEU A 231 10.08 5.15 -8.30
N LEU A 232 10.59 3.92 -8.14
CA LEU A 232 11.37 3.55 -6.97
C LEU A 232 12.51 4.53 -6.72
N GLY A 233 13.07 5.11 -7.79
CA GLY A 233 14.18 6.04 -7.68
C GLY A 233 13.80 7.48 -7.50
N ALA A 234 12.51 7.79 -7.41
CA ALA A 234 12.07 9.18 -7.25
C ALA A 234 12.63 9.79 -5.98
N THR A 235 12.80 11.11 -5.99
CA THR A 235 13.21 11.81 -4.78
C THR A 235 12.06 11.98 -3.80
N GLU A 236 10.81 11.99 -4.28
CA GLU A 236 9.66 12.21 -3.42
C GLU A 236 9.31 10.94 -2.67
N LEU A 237 9.44 10.99 -1.35
CA LEU A 237 9.01 9.88 -0.50
C LEU A 237 7.57 9.44 -0.72
N PRO A 238 6.60 10.33 -0.98
CA PRO A 238 5.23 9.84 -1.26
C PRO A 238 5.13 9.02 -2.53
N ILE A 239 6.09 9.08 -3.44
CA ILE A 239 6.10 8.22 -4.61
C ILE A 239 6.83 6.91 -4.33
N VAL A 240 7.99 7.00 -3.69
CA VAL A 240 8.79 5.80 -3.43
C VAL A 240 8.01 4.83 -2.55
N THR A 241 7.29 5.33 -1.53
CA THR A 241 6.61 4.43 -0.61
C THR A 241 5.63 3.50 -1.32
N PRO A 242 4.69 3.97 -2.15
CA PRO A 242 3.79 3.01 -2.84
C PRO A 242 4.46 2.25 -3.97
N ALA A 243 5.44 2.84 -4.66
CA ALA A 243 6.15 2.09 -5.69
C ALA A 243 6.89 0.90 -5.09
N LEU A 244 7.51 1.10 -3.92
CA LEU A 244 8.19 -0.01 -3.26
C LEU A 244 7.21 -1.06 -2.77
N ARG A 245 6.04 -0.63 -2.26
CA ARG A 245 5.03 -1.60 -1.85
C ARG A 245 4.57 -2.43 -3.04
N ALA A 246 4.35 -1.79 -4.19
CA ALA A 246 3.93 -2.51 -5.39
C ALA A 246 5.01 -3.51 -5.82
N ILE A 247 6.28 -3.08 -5.84
CA ILE A 247 7.37 -3.98 -6.21
C ILE A 247 7.46 -5.14 -5.22
N GLY A 248 7.36 -4.84 -3.93
CA GLY A 248 7.40 -5.89 -2.92
C GLY A 248 6.26 -6.88 -3.06
N ASN A 249 5.07 -6.38 -3.42
CA ASN A 249 3.94 -7.28 -3.65
C ASN A 249 4.21 -8.19 -4.85
N ILE A 250 4.76 -7.63 -5.92
CA ILE A 250 4.99 -8.42 -7.13
C ILE A 250 5.94 -9.58 -6.87
N VAL A 251 6.99 -9.35 -6.06
CA VAL A 251 7.93 -10.43 -5.80
C VAL A 251 7.43 -11.44 -4.78
N THR A 252 6.21 -11.28 -4.26
CA THR A 252 5.58 -12.39 -3.57
C THR A 252 4.98 -13.41 -4.53
N GLY A 253 5.02 -13.15 -5.83
CA GLY A 253 4.41 -14.00 -6.83
C GLY A 253 5.33 -15.10 -7.31
N THR A 254 5.16 -15.48 -8.58
CA THR A 254 5.94 -16.56 -9.15
C THR A 254 7.39 -16.13 -9.34
N ASP A 255 8.24 -17.13 -9.64
CA ASP A 255 9.63 -16.83 -9.98
C ASP A 255 9.71 -15.99 -11.23
N GLU A 256 8.82 -16.21 -12.18
CA GLU A 256 8.84 -15.45 -13.43
C GLU A 256 8.41 -14.01 -13.20
N GLN A 257 7.41 -13.79 -12.35
CA GLN A 257 7.01 -12.43 -11.99
C GLN A 257 8.14 -11.72 -11.24
N THR A 258 8.79 -12.43 -10.30
CA THR A 258 9.96 -11.86 -9.61
C THR A 258 11.06 -11.50 -10.60
N GLN A 259 11.23 -12.31 -11.66
CA GLN A 259 12.29 -12.05 -12.63
C GLN A 259 12.05 -10.77 -13.41
N LYS A 260 10.79 -10.42 -13.65
CA LYS A 260 10.53 -9.16 -14.36
C LYS A 260 10.97 -7.96 -13.53
N VAL A 261 10.86 -8.05 -12.21
CA VAL A 261 11.34 -6.97 -11.34
C VAL A 261 12.86 -6.85 -11.43
N ILE A 262 13.56 -7.99 -11.40
CA ILE A 262 15.01 -7.97 -11.51
C ILE A 262 15.44 -7.49 -12.89
N ASP A 263 14.81 -8.04 -13.95
CA ASP A 263 15.12 -7.63 -15.32
C ASP A 263 14.94 -6.12 -15.53
N ALA A 264 14.02 -5.50 -14.79
CA ALA A 264 13.74 -4.08 -14.98
C ALA A 264 14.77 -3.18 -14.30
N GLY A 265 15.73 -3.76 -13.58
CA GLY A 265 16.78 -3.00 -12.94
C GLY A 265 16.55 -2.66 -11.48
N ALA A 266 15.61 -3.33 -10.82
CA ALA A 266 15.23 -2.94 -9.46
C ALA A 266 16.37 -3.09 -8.46
N LEU A 267 17.22 -4.12 -8.63
CA LEU A 267 18.25 -4.36 -7.61
C LEU A 267 19.22 -3.20 -7.49
N ALA A 268 19.40 -2.41 -8.55
CA ALA A 268 20.33 -1.28 -8.51
C ALA A 268 19.88 -0.20 -7.53
N VAL A 269 18.59 -0.14 -7.20
CA VAL A 269 18.10 0.86 -6.25
C VAL A 269 18.27 0.41 -4.81
N PHE A 270 18.54 -0.86 -4.56
CA PHE A 270 18.44 -1.32 -3.18
C PHE A 270 19.60 -0.93 -2.27
N PRO A 271 20.80 -0.59 -2.75
CA PRO A 271 21.78 0.02 -1.83
C PRO A 271 21.21 1.24 -1.11
N SER A 272 20.48 2.10 -1.82
CA SER A 272 19.88 3.28 -1.18
C SER A 272 18.67 2.92 -0.34
N LEU A 273 17.82 2.01 -0.85
CA LEU A 273 16.61 1.66 -0.10
C LEU A 273 16.95 0.98 1.21
N LEU A 274 17.94 0.09 1.20
CA LEU A 274 18.32 -0.65 2.39
C LEU A 274 19.08 0.20 3.40
N THR A 275 19.44 1.43 3.05
CA THR A 275 20.01 2.37 4.01
C THR A 275 19.16 3.63 4.13
N ASN A 276 17.91 3.57 3.67
CA ASN A 276 17.08 4.76 3.61
C ASN A 276 16.81 5.29 5.02
N PRO A 277 16.85 6.61 5.22
CA PRO A 277 16.62 7.17 6.56
C PRO A 277 15.16 7.10 7.02
N LYS A 278 14.22 6.76 6.15
CA LYS A 278 12.85 6.52 6.57
C LYS A 278 12.72 5.06 6.96
N THR A 279 12.38 4.80 8.24
CA THR A 279 12.37 3.44 8.77
C THR A 279 11.49 2.51 7.95
N ASN A 280 10.31 2.99 7.54
CA ASN A 280 9.38 2.13 6.83
C ASN A 280 9.90 1.75 5.45
N ILE A 281 10.68 2.62 4.80
CA ILE A 281 11.27 2.27 3.51
C ILE A 281 12.29 1.15 3.66
N GLN A 282 13.17 1.28 4.67
CA GLN A 282 14.11 0.21 4.97
C GLN A 282 13.40 -1.11 5.25
N LYS A 283 12.33 -1.06 6.04
CA LYS A 283 11.65 -2.29 6.40
C LYS A 283 11.05 -2.96 5.17
N GLU A 284 10.37 -2.18 4.31
CA GLU A 284 9.72 -2.76 3.15
C GLU A 284 10.73 -3.16 2.09
N ALA A 285 11.87 -2.47 2.01
CA ALA A 285 12.93 -2.88 1.11
C ALA A 285 13.52 -4.21 1.55
N THR A 286 13.69 -4.40 2.86
CA THR A 286 14.24 -5.66 3.35
C THR A 286 13.23 -6.80 3.22
N TRP A 287 11.95 -6.52 3.46
CA TRP A 287 10.90 -7.49 3.18
C TRP A 287 10.94 -7.92 1.72
N THR A 288 11.05 -6.95 0.81
CA THR A 288 11.16 -7.25 -0.61
C THR A 288 12.36 -8.15 -0.89
N MET A 289 13.52 -7.82 -0.31
CA MET A 289 14.71 -8.65 -0.50
C MET A 289 14.48 -10.08 0.00
N SER A 290 13.72 -10.23 1.10
CA SER A 290 13.49 -11.55 1.66
C SER A 290 12.68 -12.43 0.73
N ASN A 291 11.82 -11.85 -0.10
CA ASN A 291 11.08 -12.61 -1.09
C ASN A 291 11.88 -12.84 -2.35
N ILE A 292 12.85 -11.98 -2.65
CA ILE A 292 13.75 -12.27 -3.76
C ILE A 292 14.71 -13.38 -3.38
N THR A 293 15.22 -13.39 -2.14
CA THR A 293 16.10 -14.50 -1.77
C THR A 293 15.35 -15.80 -1.55
N ALA A 294 14.02 -15.75 -1.46
CA ALA A 294 13.22 -16.97 -1.48
C ALA A 294 13.10 -17.57 -2.87
N GLY A 295 13.72 -16.96 -3.88
CA GLY A 295 13.57 -17.37 -5.26
C GLY A 295 14.58 -18.40 -5.70
N ARG A 296 14.83 -18.44 -7.01
CA ARG A 296 15.71 -19.43 -7.60
C ARG A 296 17.16 -19.10 -7.31
N GLN A 297 18.03 -20.11 -7.49
CA GLN A 297 19.45 -19.91 -7.23
C GLN A 297 20.04 -18.85 -8.15
N ASP A 298 19.59 -18.80 -9.41
CA ASP A 298 20.08 -17.75 -10.30
C ASP A 298 19.60 -16.36 -9.88
N GLN A 299 18.49 -16.27 -9.15
CA GLN A 299 18.04 -14.98 -8.65
C GLN A 299 18.81 -14.59 -7.38
N ILE A 300 19.06 -15.55 -6.49
CA ILE A 300 20.03 -15.32 -5.41
C ILE A 300 21.36 -14.85 -5.98
N GLN A 301 21.79 -15.44 -7.10
CA GLN A 301 23.07 -15.04 -7.68
C GLN A 301 23.05 -13.59 -8.13
N GLN A 302 21.90 -13.10 -8.59
CA GLN A 302 21.84 -11.71 -9.01
C GLN A 302 21.86 -10.77 -7.81
N VAL A 303 21.27 -11.17 -6.69
CA VAL A 303 21.43 -10.44 -5.44
C VAL A 303 22.91 -10.34 -5.09
N VAL A 304 23.63 -11.46 -5.19
CA VAL A 304 25.08 -11.47 -4.94
C VAL A 304 25.79 -10.52 -5.89
N ASN A 305 25.52 -10.66 -7.20
CA ASN A 305 26.28 -9.89 -8.19
C ASN A 305 26.07 -8.39 -8.04
N HIS A 306 24.90 -7.98 -7.59
CA HIS A 306 24.60 -6.57 -7.40
C HIS A 306 25.19 -6.01 -6.12
N GLY A 307 25.98 -6.80 -5.39
CA GLY A 307 26.59 -6.33 -4.17
C GLY A 307 25.64 -6.12 -3.02
N LEU A 308 24.50 -6.81 -3.01
CA LEU A 308 23.50 -6.54 -2.00
C LEU A 308 23.69 -7.34 -0.72
N VAL A 309 24.53 -8.38 -0.72
CA VAL A 309 24.74 -9.16 0.50
C VAL A 309 25.37 -8.33 1.60
N PRO A 310 26.38 -7.50 1.35
CA PRO A 310 26.85 -6.61 2.43
C PRO A 310 25.76 -5.72 2.99
N PHE A 311 24.81 -5.28 2.16
CA PHE A 311 23.74 -4.44 2.68
C PHE A 311 22.78 -5.23 3.57
N LEU A 312 22.57 -6.52 3.27
CA LEU A 312 21.78 -7.36 4.16
C LEU A 312 22.50 -7.58 5.48
N VAL A 313 23.81 -7.80 5.44
CA VAL A 313 24.60 -7.85 6.67
C VAL A 313 24.42 -6.56 7.45
N GLY A 314 24.39 -5.42 6.76
CA GLY A 314 24.22 -4.15 7.44
C GLY A 314 22.90 -4.04 8.17
N VAL A 315 21.80 -4.37 7.51
CA VAL A 315 20.49 -4.21 8.17
C VAL A 315 20.34 -5.22 9.31
N LEU A 316 20.90 -6.42 9.14
CA LEU A 316 20.92 -7.38 10.24
C LEU A 316 21.71 -6.83 11.43
N SER A 317 22.81 -6.11 11.15
CA SER A 317 23.67 -5.61 12.22
C SER A 317 23.01 -4.46 12.97
N LYS A 318 22.34 -3.56 12.25
CA LYS A 318 21.76 -2.38 12.89
C LYS A 318 20.61 -1.86 12.03
N ALA A 319 19.40 -1.90 12.60
CA ALA A 319 18.20 -1.39 11.97
C ALA A 319 17.12 -1.43 13.03
N ASP A 320 15.98 -0.82 12.74
CA ASP A 320 14.82 -1.02 13.59
C ASP A 320 14.53 -2.51 13.69
N PHE A 321 14.03 -2.94 14.85
CA PHE A 321 13.94 -4.38 15.09
C PHE A 321 13.07 -5.07 14.05
N LYS A 322 11.97 -4.45 13.65
CA LYS A 322 11.11 -5.08 12.64
C LYS A 322 11.83 -5.25 11.32
N THR A 323 12.70 -4.30 10.97
CA THR A 323 13.55 -4.44 9.79
C THR A 323 14.56 -5.57 9.96
N GLN A 324 15.15 -5.68 11.15
CA GLN A 324 16.07 -6.78 11.42
C GLN A 324 15.37 -8.13 11.30
N LYS A 325 14.09 -8.18 11.71
CA LYS A 325 13.33 -9.41 11.56
C LYS A 325 13.18 -9.78 10.09
N GLU A 326 12.88 -8.80 9.23
CA GLU A 326 12.82 -9.06 7.80
C GLU A 326 14.17 -9.49 7.25
N ALA A 327 15.26 -8.93 7.79
CA ALA A 327 16.58 -9.34 7.36
C ALA A 327 16.86 -10.78 7.75
N ALA A 328 16.46 -11.19 8.95
CA ALA A 328 16.58 -12.59 9.35
C ALA A 328 15.85 -13.49 8.37
N TRP A 329 14.63 -13.13 7.99
CA TRP A 329 13.89 -13.88 6.98
C TRP A 329 14.66 -13.96 5.67
N ALA A 330 15.21 -12.83 5.23
CA ALA A 330 16.00 -12.81 4.00
C ALA A 330 17.16 -13.79 4.09
N ILE A 331 17.78 -13.90 5.27
CA ILE A 331 18.92 -14.79 5.43
C ILE A 331 18.48 -16.26 5.45
N THR A 332 17.37 -16.56 6.13
CA THR A 332 16.90 -17.94 6.14
C THR A 332 16.49 -18.40 4.75
N ASN A 333 15.82 -17.52 3.99
CA ASN A 333 15.43 -17.88 2.63
C ASN A 333 16.66 -18.08 1.74
N TYR A 334 17.64 -17.18 1.87
CA TYR A 334 18.88 -17.28 1.12
C TYR A 334 19.58 -18.62 1.38
N THR A 335 19.72 -18.99 2.66
CA THR A 335 20.43 -20.21 2.99
C THR A 335 19.60 -21.46 2.76
N SER A 336 18.28 -21.35 2.79
CA SER A 336 17.44 -22.49 2.41
C SER A 336 17.58 -22.81 0.93
N GLY A 337 17.55 -21.78 0.08
CA GLY A 337 17.56 -21.99 -1.35
C GLY A 337 18.92 -21.96 -2.03
N GLY A 338 19.93 -21.39 -1.37
CA GLY A 338 21.18 -21.11 -2.07
C GLY A 338 22.12 -22.30 -2.20
N THR A 339 23.02 -22.20 -3.18
CA THR A 339 24.10 -23.16 -3.33
C THR A 339 25.10 -23.06 -2.18
N VAL A 340 26.00 -24.04 -2.13
CA VAL A 340 27.05 -24.01 -1.11
C VAL A 340 27.94 -22.79 -1.29
N GLU A 341 28.33 -22.48 -2.53
CA GLU A 341 29.20 -21.34 -2.77
C GLU A 341 28.52 -20.03 -2.38
N GLN A 342 27.21 -19.93 -2.63
CA GLN A 342 26.47 -18.73 -2.22
C GLN A 342 26.43 -18.59 -0.71
N ILE A 343 26.35 -19.73 0.01
CA ILE A 343 26.30 -19.68 1.47
C ILE A 343 27.68 -19.38 2.04
N VAL A 344 28.72 -19.98 1.47
CA VAL A 344 30.09 -19.62 1.83
C VAL A 344 30.30 -18.11 1.69
N TYR A 345 29.87 -17.56 0.55
CA TYR A 345 30.01 -16.13 0.32
C TYR A 345 29.28 -15.32 1.39
N LEU A 346 28.06 -15.75 1.75
CA LEU A 346 27.32 -15.07 2.81
C LEU A 346 28.11 -15.04 4.11
N VAL A 347 28.77 -16.15 4.45
CA VAL A 347 29.58 -16.18 5.66
C VAL A 347 30.80 -15.28 5.52
N HIS A 348 31.41 -15.25 4.33
CA HIS A 348 32.59 -14.42 4.14
C HIS A 348 32.25 -12.93 4.23
N CYS A 349 31.01 -12.54 3.93
CA CYS A 349 30.62 -11.14 4.09
C CYS A 349 30.27 -10.77 5.52
N GLY A 350 30.31 -11.72 6.45
CA GLY A 350 30.18 -11.43 7.86
C GLY A 350 28.83 -11.68 8.50
N ILE A 351 28.06 -12.66 8.03
CA ILE A 351 26.68 -12.79 8.50
C ILE A 351 26.62 -13.38 9.91
N ILE A 352 27.65 -14.13 10.33
CA ILE A 352 27.53 -14.94 11.54
C ILE A 352 27.34 -14.08 12.78
N GLU A 353 28.22 -13.09 12.98
CA GLU A 353 28.12 -12.32 14.23
C GLU A 353 26.80 -11.59 14.40
N PRO A 354 26.28 -10.86 13.41
CA PRO A 354 24.98 -10.20 13.62
C PRO A 354 23.82 -11.19 13.77
N LEU A 355 23.90 -12.35 13.11
CA LEU A 355 22.91 -13.40 13.33
C LEU A 355 22.88 -13.81 14.80
N MET A 356 24.05 -14.11 15.36
CA MET A 356 24.12 -14.57 16.75
C MET A 356 23.67 -13.49 17.72
N ASN A 357 24.04 -12.24 17.46
CA ASN A 357 23.67 -11.15 18.37
C ASN A 357 22.16 -11.02 18.50
N LEU A 358 21.42 -11.36 17.46
CA LEU A 358 19.97 -11.28 17.49
C LEU A 358 19.32 -12.43 18.24
N LEU A 359 20.10 -13.42 18.69
CA LEU A 359 19.54 -14.47 19.52
C LEU A 359 19.17 -13.98 20.91
N SER A 360 19.60 -12.79 21.30
CA SER A 360 19.21 -12.17 22.55
C SER A 360 17.85 -11.49 22.48
N ALA A 361 17.23 -11.45 21.30
CA ALA A 361 15.95 -10.76 21.15
C ALA A 361 14.85 -11.49 21.90
N LYS A 362 14.01 -10.74 22.60
CA LYS A 362 12.83 -11.32 23.25
C LYS A 362 11.69 -11.36 22.23
N ASP A 363 11.86 -12.25 21.26
CA ASP A 363 10.89 -12.45 20.18
C ASP A 363 11.09 -13.87 19.68
N THR A 364 10.08 -14.73 19.89
CA THR A 364 10.26 -16.14 19.60
C THR A 364 10.42 -16.41 18.11
N LYS A 365 9.69 -15.67 17.27
CA LYS A 365 9.70 -15.94 15.84
C LYS A 365 11.08 -15.71 15.24
N ILE A 366 11.72 -14.58 15.56
CA ILE A 366 13.02 -14.32 14.96
C ILE A 366 14.06 -15.32 15.43
N ILE A 367 13.94 -15.82 16.67
CA ILE A 367 14.88 -16.83 17.15
C ILE A 367 14.73 -18.11 16.35
N GLN A 368 13.48 -18.54 16.11
CA GLN A 368 13.23 -19.70 15.27
C GLN A 368 13.83 -19.51 13.88
N VAL A 369 13.57 -18.35 13.27
CA VAL A 369 14.07 -18.07 11.93
C VAL A 369 15.59 -18.10 11.91
N ILE A 370 16.23 -17.54 12.93
CA ILE A 370 17.69 -17.52 12.97
C ILE A 370 18.26 -18.93 13.17
N LEU A 371 17.64 -19.70 14.07
CA LEU A 371 18.10 -21.08 14.27
C LEU A 371 18.00 -21.89 12.99
N ASP A 372 16.93 -21.69 12.22
CA ASP A 372 16.81 -22.32 10.91
C ASP A 372 17.98 -21.93 10.01
N ALA A 373 18.31 -20.63 9.98
CA ALA A 373 19.42 -20.17 9.16
C ALA A 373 20.73 -20.82 9.56
N ILE A 374 20.99 -20.88 10.86
CA ILE A 374 22.24 -21.47 11.34
C ILE A 374 22.33 -22.94 10.92
N SER A 375 21.22 -23.68 11.05
CA SER A 375 21.22 -25.06 10.61
C SER A 375 21.47 -25.17 9.11
N ASN A 376 20.86 -24.27 8.33
CA ASN A 376 21.11 -24.24 6.89
C ASN A 376 22.58 -24.03 6.58
N ILE A 377 23.25 -23.17 7.36
CA ILE A 377 24.65 -22.90 7.09
C ILE A 377 25.52 -24.08 7.49
N PHE A 378 25.18 -24.76 8.60
CA PHE A 378 25.92 -25.96 8.98
C PHE A 378 25.80 -27.03 7.91
N GLN A 379 24.61 -27.20 7.33
CA GLN A 379 24.42 -28.19 6.27
C GLN A 379 25.33 -27.92 5.09
N ALA A 380 25.57 -26.63 4.78
CA ALA A 380 26.54 -26.31 3.74
C ALA A 380 27.96 -26.61 4.21
N ALA A 381 28.25 -26.34 5.48
CA ALA A 381 29.58 -26.64 6.01
C ALA A 381 29.84 -28.14 6.06
N GLU A 382 28.80 -28.95 6.30
CA GLU A 382 28.95 -30.40 6.25
C GLU A 382 29.41 -30.86 4.87
N LYS A 383 28.73 -30.38 3.82
CA LYS A 383 29.10 -30.77 2.46
C LYS A 383 30.54 -30.40 2.14
N LEU A 384 31.08 -29.36 2.79
CA LEU A 384 32.47 -28.98 2.60
C LEU A 384 33.40 -29.61 3.63
N GLY A 385 32.86 -30.26 4.65
CA GLY A 385 33.68 -30.80 5.72
C GLY A 385 34.31 -29.75 6.61
N GLU A 386 33.62 -28.64 6.85
CA GLU A 386 34.18 -27.54 7.63
C GLU A 386 33.25 -27.14 8.76
N THR A 387 32.52 -28.11 9.33
CA THR A 387 31.62 -27.82 10.43
C THR A 387 32.36 -27.28 11.64
N GLU A 388 33.61 -27.70 11.86
CA GLU A 388 34.33 -27.23 13.04
C GLU A 388 34.80 -25.80 12.86
N LYS A 389 35.23 -25.43 11.66
CA LYS A 389 35.60 -24.04 11.41
C LYS A 389 34.43 -23.11 11.71
N LEU A 390 33.22 -23.51 11.33
CA LEU A 390 32.05 -22.68 11.62
C LEU A 390 31.72 -22.70 13.10
N SER A 391 31.90 -23.85 13.76
CA SER A 391 31.62 -23.96 15.19
C SER A 391 32.50 -23.04 16.00
N ILE A 392 33.83 -23.15 15.81
CA ILE A 392 34.79 -22.24 16.48
C ILE A 392 34.45 -20.76 16.33
N MET A 393 33.84 -20.43 15.20
CA MET A 393 33.57 -19.09 14.70
C MET A 393 32.33 -18.55 15.37
N ILE A 394 31.30 -19.40 15.46
CA ILE A 394 30.14 -19.11 16.30
C ILE A 394 30.61 -18.95 17.73
N GLU A 395 31.56 -19.80 18.16
CA GLU A 395 32.08 -19.71 19.52
C GLU A 395 32.74 -18.37 19.81
N GLU A 396 33.50 -17.85 18.83
CA GLU A 396 34.38 -16.71 19.11
C GLU A 396 33.61 -15.40 19.22
N CYS A 397 32.45 -15.29 18.59
CA CYS A 397 31.65 -14.08 18.69
C CYS A 397 30.60 -14.17 19.79
N GLY A 398 30.63 -15.23 20.59
CA GLY A 398 29.68 -15.40 21.66
C GLY A 398 28.39 -16.09 21.28
N GLY A 399 28.34 -16.73 20.10
CA GLY A 399 27.12 -17.38 19.67
C GLY A 399 26.80 -18.66 20.42
N LEU A 400 27.83 -19.39 20.85
CA LEU A 400 27.59 -20.63 21.60
C LEU A 400 26.78 -20.36 22.85
N ASP A 401 27.15 -19.31 23.61
CA ASP A 401 26.46 -19.03 24.87
C ASP A 401 24.97 -18.75 24.63
N LYS A 402 24.65 -17.97 23.60
CA LYS A 402 23.27 -17.66 23.34
C LYS A 402 22.49 -18.84 22.78
N ILE A 403 23.17 -19.80 22.14
CA ILE A 403 22.48 -21.04 21.78
C ILE A 403 22.29 -21.92 23.02
N GLU A 404 23.30 -21.98 23.90
CA GLU A 404 23.18 -22.74 25.13
C GLU A 404 21.97 -22.28 25.94
N ALA A 405 21.85 -20.97 26.12
CA ALA A 405 20.76 -20.42 26.92
C ALA A 405 19.40 -20.86 26.39
N LEU A 406 19.23 -20.88 25.08
CA LEU A 406 17.92 -21.21 24.52
C LEU A 406 17.56 -22.68 24.66
N GLN A 407 18.50 -23.54 25.08
CA GLN A 407 18.11 -24.84 25.60
C GLN A 407 17.11 -24.68 26.74
N ARG A 408 17.31 -23.65 27.57
CA ARG A 408 16.47 -23.30 28.71
C ARG A 408 15.36 -22.33 28.34
N HIS A 409 14.71 -22.51 27.19
CA HIS A 409 13.79 -21.49 26.67
C HIS A 409 12.39 -22.07 26.54
N GLU A 410 11.40 -21.22 26.80
CA GLU A 410 9.99 -21.63 26.90
C GLU A 410 9.55 -22.42 25.68
N ASN A 411 9.58 -21.79 24.51
CA ASN A 411 8.98 -22.36 23.31
C ASN A 411 9.62 -23.69 22.96
N GLU A 412 8.82 -24.61 22.42
CA GLU A 412 9.27 -25.98 22.22
C GLU A 412 10.26 -26.08 21.07
N SER A 413 9.89 -25.60 19.88
CA SER A 413 10.80 -25.76 18.74
C SER A 413 12.13 -25.03 18.96
N VAL A 414 12.16 -24.01 19.82
CA VAL A 414 13.40 -23.31 20.12
C VAL A 414 14.37 -24.25 20.81
N TYR A 415 14.02 -24.74 22.02
CA TYR A 415 14.96 -25.59 22.73
C TYR A 415 15.18 -26.90 22.02
N LYS A 416 14.18 -27.41 21.29
CA LYS A 416 14.39 -28.55 20.40
C LYS A 416 15.52 -28.26 19.42
N ALA A 417 15.34 -27.23 18.58
CA ALA A 417 16.35 -26.89 17.58
C ALA A 417 17.65 -26.45 18.24
N SER A 418 17.56 -25.75 19.37
CA SER A 418 18.76 -25.32 20.09
C SER A 418 19.55 -26.52 20.60
N LEU A 419 18.85 -27.48 21.20
CA LEU A 419 19.49 -28.69 21.71
C LEU A 419 20.20 -29.43 20.57
N ASN A 420 19.50 -29.66 19.47
CA ASN A 420 20.08 -30.42 18.37
C ASN A 420 21.35 -29.77 17.86
N LEU A 421 21.38 -28.44 17.77
CA LEU A 421 22.56 -27.75 17.26
C LEU A 421 23.78 -28.02 18.13
N ILE A 422 23.63 -27.91 19.46
CA ILE A 422 24.76 -28.11 20.35
C ILE A 422 25.22 -29.57 20.32
N GLU A 423 24.27 -30.50 20.34
CA GLU A 423 24.62 -31.91 20.26
C GLU A 423 25.42 -32.20 18.99
N LYS A 424 24.89 -31.82 17.83
CA LYS A 424 25.48 -32.26 16.57
C LYS A 424 26.80 -31.55 16.28
N TYR A 425 26.91 -30.26 16.59
CA TYR A 425 28.09 -29.50 16.19
C TYR A 425 28.90 -28.91 17.33
N PHE A 426 28.42 -28.98 18.57
CA PHE A 426 29.18 -28.50 19.71
C PHE A 426 29.24 -29.57 20.80
N MET B 8 -2.17 6.21 1.59
CA MET B 8 -3.04 7.15 0.88
C MET B 8 -4.33 7.35 1.66
N GLU B 9 -4.79 8.60 1.73
CA GLU B 9 -6.00 8.91 2.48
C GLU B 9 -7.18 8.11 1.95
N TRP B 10 -7.94 7.50 2.86
CA TRP B 10 -9.11 6.72 2.47
C TRP B 10 -10.33 7.59 2.24
N LYS B 11 -10.45 8.68 3.00
CA LYS B 11 -11.52 9.66 2.85
C LYS B 11 -10.91 11.05 3.00
N ARG B 12 -11.50 12.02 2.33
CA ARG B 12 -10.95 13.38 2.29
C ARG B 12 -12.06 14.41 2.51
N VAL B 13 -11.84 15.32 3.47
CA VAL B 13 -12.71 16.46 3.69
C VAL B 13 -12.27 17.59 2.76
N LYS B 14 -13.24 18.25 2.13
CA LYS B 14 -12.96 19.46 1.35
C LYS B 14 -13.13 20.67 2.28
N GLY B 15 -12.02 21.29 2.65
CA GLY B 15 -12.04 22.45 3.53
C GLY B 15 -12.14 23.76 2.76
S SO4 C . -17.92 25.81 -13.76
O1 SO4 C . -18.04 24.93 -12.61
O2 SO4 C . -17.34 27.08 -13.35
O3 SO4 C . -17.08 25.18 -14.77
O4 SO4 C . -19.26 26.04 -14.32
S SO4 D . 7.59 8.65 -20.30
O1 SO4 D . 8.02 7.28 -20.06
O2 SO4 D . 8.17 9.53 -19.29
O3 SO4 D . 8.03 9.09 -21.63
O4 SO4 D . 6.13 8.73 -20.22
S SO4 E . 23.62 -9.97 -13.14
O1 SO4 E . 23.74 -10.57 -11.81
O2 SO4 E . 23.93 -10.99 -14.14
O3 SO4 E . 24.58 -8.87 -13.28
O4 SO4 E . 22.27 -9.48 -13.32
S SO4 F . 19.14 3.27 10.61
O1 SO4 F . 19.03 4.54 11.31
O2 SO4 F . 20.19 2.46 11.24
O3 SO4 F . 19.48 3.51 9.21
O4 SO4 F . 17.86 2.55 10.69
S SO4 G . 3.89 17.89 -18.96
O1 SO4 G . 3.02 16.74 -18.77
O2 SO4 G . 5.07 17.75 -18.11
O3 SO4 G . 4.31 17.98 -20.36
O4 SO4 G . 3.17 19.11 -18.59
S SO4 H . -17.21 -3.97 4.02
O1 SO4 H . -17.45 -5.40 3.81
O2 SO4 H . -15.86 -3.78 4.55
O3 SO4 H . -18.19 -3.45 4.99
O4 SO4 H . -17.34 -3.24 2.76
#